data_3S83
#
_entry.id   3S83
#
_cell.length_a   76.193
_cell.length_b   46.963
_cell.length_c   63.770
_cell.angle_alpha   90.00
_cell.angle_beta   96.32
_cell.angle_gamma   90.00
#
_symmetry.space_group_name_H-M   'C 1 2 1'
#
loop_
_entity.id
_entity.type
_entity.pdbx_description
1 polymer 'GGDEF family protein'
2 non-polymer 'POTASSIUM ION'
3 water water
#
_entity_poly.entity_id   1
_entity_poly.type   'polypeptide(L)'
_entity_poly.pdbx_seq_one_letter_code
;LALEADLRGAIGRGEITPYFQPIVRLSTGALSGFEALARWIHPRRG(MSE)LPPDEFLPLIEE(MSE)GL(MSE)SELGA
H(MSE)(MSE)HAAAQQLSTWRAAHPA(MSE)GNLTVSVNLSTGEIDRPGLVADVAETLRVNRLPRGALKLEVTESDI
(MSE)RDPERAAVILKTLRDAGAGLALDDFGTGFSSLSYLTRLPFDTLKIDRYFVRT(MSE)GNNAGSAKIVRSVVKLGQ
DLDLEVVAEGVENAE(MSE)AHALQSLGCDYGQGFGYAPALSPQEAEVYLNEAYVDG
;
_entity_poly.pdbx_strand_id   A
#
# COMPACT_ATOMS: atom_id res chain seq x y z
N LEU A 1 17.75 3.55 25.68
CA LEU A 1 18.87 4.29 25.02
C LEU A 1 18.39 5.65 24.56
N ALA A 2 19.26 6.43 23.90
CA ALA A 2 18.84 7.67 23.20
C ALA A 2 17.81 7.35 22.13
N LEU A 3 16.96 8.33 21.81
CA LEU A 3 15.86 8.08 20.95
C LEU A 3 16.25 7.46 19.60
N GLU A 4 17.26 8.01 18.95
CA GLU A 4 17.62 7.48 17.64
C GLU A 4 18.05 6.02 17.75
N ALA A 5 18.80 5.69 18.80
CA ALA A 5 19.27 4.31 19.05
C ALA A 5 18.11 3.39 19.36
N ASP A 6 17.17 3.85 20.18
CA ASP A 6 15.99 3.06 20.51
C ASP A 6 15.24 2.72 19.23
N LEU A 7 15.02 3.70 18.36
CA LEU A 7 14.26 3.45 17.16
C LEU A 7 15.04 2.58 16.17
N ARG A 8 16.33 2.82 16.03
CA ARG A 8 17.11 1.95 15.15
C ARG A 8 17.07 0.51 15.63
N GLY A 9 17.07 0.32 16.93
CA GLY A 9 16.99 -1.02 17.52
C GLY A 9 15.63 -1.67 17.31
N ALA A 10 14.56 -0.91 17.50
CA ALA A 10 13.23 -1.46 17.34
C ALA A 10 13.04 -1.87 15.88
N ILE A 11 13.50 -1.05 14.94
CA ILE A 11 13.40 -1.36 13.51
C ILE A 11 14.25 -2.59 13.21
N GLY A 12 15.51 -2.57 13.64
CA GLY A 12 16.48 -3.63 13.28
C GLY A 12 16.09 -4.96 13.88
N ARG A 13 15.53 -4.99 15.08
CA ARG A 13 15.08 -6.24 15.69
C ARG A 13 13.72 -6.71 15.21
N GLY A 14 13.02 -5.86 14.46
CA GLY A 14 11.71 -6.24 13.97
C GLY A 14 10.63 -6.10 15.02
N GLU A 15 10.83 -5.23 15.99
CA GLU A 15 9.75 -4.81 16.93
C GLU A 15 8.71 -4.00 16.17
N ILE A 16 9.19 -3.21 15.23
CA ILE A 16 8.34 -2.53 14.26
C ILE A 16 8.28 -3.48 13.09
N THR A 17 7.08 -3.92 12.75
CA THR A 17 6.90 -5.01 11.82
C THR A 17 5.53 -4.89 11.13
N PRO A 18 5.38 -5.51 9.93
CA PRO A 18 4.11 -5.38 9.25
C PRO A 18 3.01 -6.31 9.75
N TYR A 19 1.80 -5.77 9.86
CA TYR A 19 0.57 -6.55 9.85
C TYR A 19 -0.01 -6.38 8.45
N PHE A 20 -0.99 -7.20 8.11
CA PHE A 20 -1.43 -7.36 6.69
C PHE A 20 -2.92 -7.27 6.62
N GLN A 21 -3.44 -6.23 5.97
CA GLN A 21 -4.88 -6.05 5.90
C GLN A 21 -5.38 -6.49 4.52
N PRO A 22 -6.36 -7.42 4.45
CA PRO A 22 -6.91 -7.85 3.18
C PRO A 22 -7.49 -6.69 2.35
N ILE A 23 -7.24 -6.77 1.05
CA ILE A 23 -7.84 -5.90 0.00
C ILE A 23 -8.65 -6.84 -0.86
N VAL A 24 -9.96 -6.59 -0.96
CA VAL A 24 -10.90 -7.49 -1.64
C VAL A 24 -11.52 -6.83 -2.86
N ARG A 25 -11.88 -7.63 -3.85
CA ARG A 25 -12.73 -7.16 -4.96
C ARG A 25 -14.13 -6.99 -4.40
N LEU A 26 -14.71 -5.80 -4.49
CA LEU A 26 -15.97 -5.51 -3.83
C LEU A 26 -17.10 -6.36 -4.39
N SER A 27 -17.11 -6.58 -5.69
CA SER A 27 -18.25 -7.26 -6.30
C SER A 27 -18.37 -8.74 -5.89
N THR A 28 -17.25 -9.38 -5.54
CA THR A 28 -17.22 -10.81 -5.26
C THR A 28 -16.80 -11.10 -3.82
N GLY A 29 -16.11 -10.18 -3.17
CA GLY A 29 -15.49 -10.52 -1.92
C GLY A 29 -14.17 -11.22 -2.01
N ALA A 30 -13.67 -11.50 -3.21
CA ALA A 30 -12.44 -12.31 -3.39
C ALA A 30 -11.22 -11.54 -2.97
N LEU A 31 -10.25 -12.22 -2.39
CA LEU A 31 -9.03 -11.62 -1.94
C LEU A 31 -8.14 -11.27 -3.10
N SER A 32 -7.76 -10.01 -3.23
CA SER A 32 -6.83 -9.55 -4.26
C SER A 32 -5.38 -9.40 -3.79
N GLY A 33 -5.24 -9.05 -2.52
CA GLY A 33 -3.93 -8.80 -1.93
C GLY A 33 -4.07 -8.32 -0.51
N PHE A 34 -2.96 -7.84 0.02
CA PHE A 34 -2.93 -7.31 1.37
C PHE A 34 -2.18 -5.99 1.35
N GLU A 35 -2.51 -5.10 2.26
CA GLU A 35 -1.68 -3.93 2.57
C GLU A 35 -0.82 -4.26 3.80
N ALA A 36 0.48 -4.07 3.66
CA ALA A 36 1.44 -4.18 4.77
C ALA A 36 1.42 -2.89 5.54
N LEU A 37 1.10 -2.94 6.83
CA LEU A 37 0.88 -1.79 7.71
C LEU A 37 1.78 -1.90 8.93
N ALA A 38 2.55 -0.86 9.22
CA ALA A 38 3.51 -0.91 10.27
C ALA A 38 2.83 -0.97 11.66
N ARG A 39 3.33 -1.81 12.54
CA ARG A 39 2.92 -1.85 13.92
C ARG A 39 4.17 -1.91 14.78
N TRP A 40 4.20 -1.19 15.88
CA TRP A 40 5.25 -1.34 16.90
C TRP A 40 4.76 -2.22 18.01
N ILE A 41 5.28 -3.44 18.10
CA ILE A 41 5.02 -4.33 19.22
C ILE A 41 5.94 -3.81 20.32
N HIS A 42 5.49 -2.82 21.04
CA HIS A 42 6.40 -2.08 21.94
C HIS A 42 6.51 -2.89 23.21
N PRO A 43 7.73 -3.08 23.74
CA PRO A 43 7.91 -3.97 24.88
C PRO A 43 7.31 -3.47 26.17
N ARG A 44 7.05 -2.18 26.30
CA ARG A 44 6.43 -1.60 27.49
C ARG A 44 5.05 -1.02 27.23
N ARG A 45 4.80 -0.56 26.02
CA ARG A 45 3.57 0.20 25.72
C ARG A 45 2.50 -0.61 24.99
N GLY A 46 2.85 -1.84 24.61
CA GLY A 46 1.93 -2.66 23.84
C GLY A 46 1.94 -2.33 22.38
N LEU A 48 1.39 -0.51 19.12
CA LEU A 48 1.18 0.88 18.71
C LEU A 48 1.03 1.01 17.22
N PRO A 49 0.01 1.74 16.78
CA PRO A 49 -0.13 2.01 15.37
C PRO A 49 0.75 3.18 14.95
N PRO A 50 0.98 3.39 13.64
CA PRO A 50 1.85 4.42 13.16
C PRO A 50 1.53 5.81 13.66
N ASP A 51 0.26 6.13 13.81
CA ASP A 51 -0.10 7.45 14.27
C ASP A 51 0.43 7.75 15.69
N GLU A 52 0.83 6.71 16.45
CA GLU A 52 1.43 6.85 17.79
C GLU A 52 2.98 6.66 17.86
N PHE A 53 3.64 6.51 16.74
CA PHE A 53 5.10 6.48 16.73
C PHE A 53 5.82 7.06 15.55
N LEU A 54 5.11 7.20 14.43
CA LEU A 54 5.78 7.74 13.25
C LEU A 54 6.40 9.13 13.43
N PRO A 55 5.78 10.02 14.21
CA PRO A 55 6.44 11.30 14.43
C PRO A 55 7.88 11.18 15.00
N LEU A 56 8.14 10.16 15.81
CA LEU A 56 9.46 9.95 16.39
C LEU A 56 10.45 9.56 15.31
N ILE A 57 10.03 8.63 14.46
N ILE A 57 10.01 8.64 14.46
CA ILE A 57 10.85 8.22 13.32
CA ILE A 57 10.80 8.21 13.32
C ILE A 57 11.16 9.42 12.40
C ILE A 57 11.12 9.37 12.35
N GLU A 58 10.13 10.22 12.12
CA GLU A 58 10.33 11.43 11.31
C GLU A 58 11.31 12.38 11.93
N GLU A 59 11.16 12.62 13.22
CA GLU A 59 12.02 13.57 13.89
C GLU A 59 13.47 13.14 13.82
N GLY A 61 14.85 11.32 11.51
CA GLY A 61 15.34 11.13 10.16
C GLY A 61 15.48 9.67 9.76
N LEU A 62 14.60 8.77 10.28
CA LEU A 62 14.73 7.33 10.04
C LEU A 62 13.68 6.76 9.11
N SER A 64 13.78 6.25 5.88
CA SER A 64 14.36 5.29 4.93
C SER A 64 14.63 3.93 5.58
N GLU A 65 15.08 3.94 6.84
CA GLU A 65 15.33 2.68 7.55
C GLU A 65 14.03 1.94 7.85
N LEU A 66 13.02 2.69 8.24
CA LEU A 66 11.70 2.05 8.47
C LEU A 66 11.15 1.51 7.14
N GLY A 67 11.17 2.34 6.11
CA GLY A 67 10.61 1.96 4.80
C GLY A 67 11.26 0.77 4.21
N ALA A 68 12.58 0.71 4.25
CA ALA A 68 13.30 -0.41 3.74
C ALA A 68 12.86 -1.67 4.46
N HIS A 69 12.83 -1.61 5.80
CA HIS A 69 12.51 -2.74 6.61
C HIS A 69 11.09 -3.26 6.28
N HIS A 72 11.07 -4.92 2.73
CA HIS A 72 11.70 -6.23 2.78
C HIS A 72 10.80 -7.27 3.43
N ALA A 73 10.20 -6.88 4.55
CA ALA A 73 9.32 -7.82 5.28
C ALA A 73 8.08 -8.14 4.45
N ALA A 74 7.52 -7.14 3.77
CA ALA A 74 6.32 -7.37 2.95
C ALA A 74 6.61 -8.30 1.78
N ALA A 75 7.73 -8.07 1.10
CA ALA A 75 8.14 -8.89 -0.03
C ALA A 75 8.47 -10.34 0.40
N GLN A 76 9.13 -10.50 1.52
N GLN A 76 9.13 -10.52 1.54
CA GLN A 76 9.47 -11.82 2.02
CA GLN A 76 9.46 -11.86 2.05
C GLN A 76 8.17 -12.58 2.33
C GLN A 76 8.19 -12.61 2.43
N GLN A 77 7.20 -11.93 2.98
CA GLN A 77 5.95 -12.61 3.28
C GLN A 77 5.21 -13.04 2.02
N LEU A 78 5.18 -12.18 1.02
CA LEU A 78 4.55 -12.56 -0.23
C LEU A 78 5.26 -13.74 -0.89
N SER A 79 6.58 -13.73 -0.82
N SER A 79 6.58 -13.77 -0.87
CA SER A 79 7.38 -14.80 -1.39
CA SER A 79 7.27 -14.88 -1.52
C SER A 79 7.03 -16.14 -0.74
C SER A 79 7.06 -16.19 -0.73
N THR A 80 6.92 -16.11 0.58
CA THR A 80 6.54 -17.32 1.39
C THR A 80 5.18 -17.81 0.96
N TRP A 81 4.23 -16.92 0.83
CA TRP A 81 2.90 -17.34 0.38
C TRP A 81 2.89 -17.88 -1.04
N ARG A 82 3.69 -17.29 -1.93
CA ARG A 82 3.79 -17.77 -3.31
C ARG A 82 4.36 -19.18 -3.38
N ALA A 83 5.38 -19.45 -2.56
CA ALA A 83 6.03 -20.75 -2.53
C ALA A 83 5.05 -21.79 -2.02
N ALA A 84 4.26 -21.44 -1.04
CA ALA A 84 3.27 -22.37 -0.47
C ALA A 84 2.14 -22.68 -1.42
N HIS A 85 1.85 -21.78 -2.35
CA HIS A 85 0.70 -21.92 -3.26
C HIS A 85 1.14 -21.70 -4.69
N PRO A 86 1.82 -22.68 -5.29
CA PRO A 86 2.47 -22.41 -6.59
C PRO A 86 1.54 -22.16 -7.78
N ALA A 87 0.26 -22.58 -7.70
CA ALA A 87 -0.72 -22.32 -8.76
C ALA A 87 -1.52 -21.03 -8.54
N GLY A 89 -2.64 -17.16 -8.38
CA GLY A 89 -2.50 -15.95 -9.18
C GLY A 89 -1.65 -14.88 -8.52
N ASN A 90 -1.64 -13.70 -9.10
CA ASN A 90 -0.73 -12.61 -8.70
C ASN A 90 -1.31 -11.83 -7.52
N LEU A 91 -1.40 -12.49 -6.37
CA LEU A 91 -1.77 -11.87 -5.11
C LEU A 91 -0.78 -10.75 -4.83
N THR A 92 -1.30 -9.56 -4.53
CA THR A 92 -0.41 -8.42 -4.33
C THR A 92 -0.16 -8.17 -2.85
N VAL A 93 0.93 -7.45 -2.59
N VAL A 93 0.99 -7.57 -2.56
CA VAL A 93 1.11 -6.83 -1.29
CA VAL A 93 1.24 -6.90 -1.28
C VAL A 93 1.57 -5.40 -1.52
C VAL A 93 1.55 -5.45 -1.61
N SER A 94 0.80 -4.48 -0.96
N SER A 94 0.95 -4.54 -0.84
CA SER A 94 1.12 -3.06 -1.04
CA SER A 94 1.18 -3.11 -1.04
C SER A 94 1.85 -2.61 0.20
C SER A 94 1.76 -2.53 0.21
N VAL A 95 2.70 -1.61 0.03
CA VAL A 95 3.41 -1.05 1.15
C VAL A 95 3.71 0.40 0.88
N ASN A 96 3.73 1.22 1.92
CA ASN A 96 4.09 2.61 1.76
C ASN A 96 5.54 2.74 1.31
N LEU A 97 5.77 3.57 0.30
CA LEU A 97 7.12 4.01 -0.05
C LEU A 97 7.34 5.25 0.83
N SER A 98 8.18 5.14 1.84
N SER A 98 8.27 5.12 1.78
CA SER A 98 8.21 6.18 2.83
CA SER A 98 8.46 6.12 2.82
C SER A 98 8.75 7.47 2.26
C SER A 98 8.82 7.50 2.25
N THR A 99 8.30 8.56 2.84
CA THR A 99 8.70 9.90 2.44
C THR A 99 10.22 10.04 2.46
N GLY A 100 10.76 10.62 1.40
CA GLY A 100 12.17 10.75 1.19
C GLY A 100 12.80 9.66 0.35
N GLU A 101 12.15 8.51 0.22
CA GLU A 101 12.74 7.43 -0.54
C GLU A 101 12.96 7.73 -2.02
N ILE A 102 12.02 8.46 -2.61
CA ILE A 102 12.19 8.86 -4.00
C ILE A 102 13.50 9.60 -4.25
N ASP A 103 13.93 10.39 -3.26
CA ASP A 103 15.19 11.15 -3.35
C ASP A 103 16.43 10.29 -3.11
N ARG A 104 16.29 9.14 -2.49
CA ARG A 104 17.47 8.36 -2.02
C ARG A 104 18.07 7.61 -3.22
N PRO A 105 19.29 7.91 -3.60
CA PRO A 105 19.89 7.15 -4.69
C PRO A 105 20.10 5.77 -4.22
N GLY A 106 19.81 4.78 -5.02
CA GLY A 106 19.91 3.42 -4.42
C GLY A 106 18.56 2.80 -4.07
N LEU A 107 17.48 3.58 -3.97
CA LEU A 107 16.14 3.01 -3.90
C LEU A 107 15.87 2.00 -5.01
N VAL A 108 16.14 2.36 -6.24
CA VAL A 108 15.78 1.47 -7.35
C VAL A 108 16.51 0.14 -7.23
N ALA A 109 17.81 0.18 -6.98
CA ALA A 109 18.56 -1.07 -6.86
C ALA A 109 18.03 -1.92 -5.69
N ASP A 110 17.64 -1.29 -4.61
N ASP A 110 17.62 -1.28 -4.61
CA ASP A 110 17.06 -2.01 -3.46
CA ASP A 110 17.05 -1.94 -3.41
C ASP A 110 15.74 -2.69 -3.85
C ASP A 110 15.70 -2.61 -3.73
N VAL A 111 14.87 -1.94 -4.52
CA VAL A 111 13.62 -2.52 -4.96
C VAL A 111 13.86 -3.65 -5.90
N ALA A 112 14.69 -3.47 -6.92
CA ALA A 112 14.98 -4.53 -7.84
C ALA A 112 15.53 -5.76 -7.16
N GLU A 113 16.47 -5.61 -6.26
CA GLU A 113 17.01 -6.74 -5.51
C GLU A 113 15.94 -7.43 -4.70
N THR A 114 15.07 -6.68 -4.05
CA THR A 114 14.00 -7.24 -3.25
C THR A 114 13.05 -8.05 -4.12
N LEU A 115 12.69 -7.54 -5.30
CA LEU A 115 11.81 -8.31 -6.19
C LEU A 115 12.46 -9.58 -6.66
N ARG A 116 13.72 -9.49 -6.97
CA ARG A 116 14.34 -10.59 -7.68
C ARG A 116 14.72 -11.68 -6.69
N VAL A 117 15.24 -11.35 -5.51
N VAL A 117 15.28 -11.35 -5.53
CA VAL A 117 15.60 -12.37 -4.51
CA VAL A 117 15.60 -12.37 -4.52
C VAL A 117 14.39 -13.10 -3.92
C VAL A 117 14.31 -13.16 -4.20
N ASN A 118 13.22 -12.44 -3.97
CA ASN A 118 11.94 -13.03 -3.59
C ASN A 118 11.16 -13.63 -4.75
N ARG A 119 11.74 -13.65 -5.94
CA ARG A 119 11.11 -14.13 -7.13
C ARG A 119 9.70 -13.63 -7.40
N LEU A 120 9.48 -12.32 -7.20
CA LEU A 120 8.15 -11.77 -7.33
C LEU A 120 7.82 -11.36 -8.77
N PRO A 121 6.65 -11.72 -9.25
CA PRO A 121 6.20 -11.32 -10.60
C PRO A 121 6.06 -9.82 -10.71
N ARG A 122 6.00 -9.32 -11.94
CA ARG A 122 5.75 -7.92 -12.18
C ARG A 122 4.46 -7.58 -11.50
N GLY A 123 4.44 -6.44 -10.81
CA GLY A 123 3.25 -5.96 -10.17
C GLY A 123 2.83 -6.64 -8.88
N ALA A 124 3.56 -7.65 -8.42
CA ALA A 124 3.19 -8.34 -7.16
C ALA A 124 3.35 -7.42 -5.95
N LEU A 125 4.41 -6.63 -5.93
CA LEU A 125 4.66 -5.66 -4.86
C LEU A 125 4.28 -4.31 -5.35
N LYS A 126 3.33 -3.67 -4.67
N LYS A 126 3.36 -3.65 -4.65
CA LYS A 126 2.89 -2.35 -5.06
CA LYS A 126 2.82 -2.34 -5.04
C LYS A 126 3.40 -1.35 -4.02
C LYS A 126 3.18 -1.27 -4.06
N LEU A 127 3.93 -0.26 -4.52
CA LEU A 127 4.43 0.82 -3.68
C LEU A 127 3.44 1.95 -3.68
N GLU A 128 3.10 2.43 -2.49
N GLU A 128 3.12 2.45 -2.50
CA GLU A 128 2.15 3.51 -2.31
CA GLU A 128 2.10 3.48 -2.36
C GLU A 128 2.90 4.81 -2.17
C GLU A 128 2.76 4.83 -2.07
N VAL A 129 2.42 5.81 -2.90
CA VAL A 129 3.06 7.13 -2.93
C VAL A 129 1.99 8.17 -2.68
N THR A 130 2.31 9.20 -1.92
CA THR A 130 1.35 10.27 -1.70
C THR A 130 1.63 11.46 -2.61
N GLU A 131 0.63 12.31 -2.73
CA GLU A 131 0.80 13.58 -3.43
C GLU A 131 1.86 14.45 -2.82
N SER A 132 1.91 14.53 -1.50
N SER A 132 1.90 14.54 -1.50
CA SER A 132 2.90 15.38 -0.86
CA SER A 132 2.92 15.33 -0.81
C SER A 132 4.31 14.88 -1.10
C SER A 132 4.30 14.87 -1.21
N ASP A 133 4.48 13.56 -1.28
CA ASP A 133 5.77 13.00 -1.63
C ASP A 133 6.20 13.43 -3.04
N ILE A 134 5.26 13.40 -3.95
CA ILE A 134 5.52 13.84 -5.32
C ILE A 134 5.93 15.32 -5.38
N ARG A 136 7.36 17.18 -3.28
CA ARG A 136 8.74 17.49 -2.86
C ARG A 136 9.59 17.74 -4.08
N ASP A 137 9.40 16.95 -5.12
CA ASP A 137 10.16 17.10 -6.36
C ASP A 137 9.55 16.26 -7.47
N PRO A 138 8.61 16.85 -8.19
CA PRO A 138 7.91 16.13 -9.25
C PRO A 138 8.80 15.60 -10.37
N GLU A 139 9.85 16.34 -10.73
CA GLU A 139 10.79 15.82 -11.71
C GLU A 139 11.51 14.54 -11.32
N ARG A 140 12.01 14.51 -10.08
CA ARG A 140 12.65 13.30 -9.58
C ARG A 140 11.60 12.18 -9.50
N ALA A 141 10.37 12.48 -9.06
CA ALA A 141 9.33 11.46 -9.03
C ALA A 141 9.09 10.86 -10.40
N ALA A 142 9.08 11.68 -11.44
CA ALA A 142 8.81 11.15 -12.78
C ALA A 142 9.90 10.19 -13.20
N VAL A 143 11.17 10.52 -12.93
CA VAL A 143 12.29 9.64 -13.29
C VAL A 143 12.21 8.31 -12.52
N ILE A 144 12.11 8.44 -11.19
CA ILE A 144 12.24 7.27 -10.30
C ILE A 144 11.03 6.38 -10.42
N LEU A 145 9.80 6.95 -10.48
CA LEU A 145 8.62 6.07 -10.61
C LEU A 145 8.59 5.31 -11.91
N LYS A 146 8.99 5.95 -13.00
CA LYS A 146 9.15 5.21 -14.26
C LYS A 146 10.15 4.04 -14.10
N THR A 147 11.29 4.33 -13.48
CA THR A 147 12.32 3.28 -13.29
C THR A 147 11.84 2.18 -12.36
N LEU A 148 11.05 2.50 -11.35
CA LEU A 148 10.48 1.45 -10.51
C LEU A 148 9.50 0.56 -11.27
N ARG A 149 8.72 1.10 -12.18
N ARG A 149 8.72 1.13 -12.18
CA ARG A 149 7.90 0.25 -13.02
CA ARG A 149 7.88 0.32 -13.07
C ARG A 149 8.79 -0.65 -13.87
C ARG A 149 8.75 -0.61 -13.92
N ASP A 150 9.87 -0.13 -14.43
CA ASP A 150 10.80 -0.98 -15.20
C ASP A 150 11.42 -2.10 -14.38
N ALA A 151 11.57 -1.86 -13.09
CA ALA A 151 12.08 -2.88 -12.17
C ALA A 151 11.03 -3.95 -11.87
N GLY A 152 9.76 -3.69 -12.12
CA GLY A 152 8.69 -4.61 -11.81
C GLY A 152 7.83 -4.28 -10.63
N ALA A 153 7.94 -3.07 -10.03
CA ALA A 153 7.03 -2.70 -8.95
C ALA A 153 5.76 -2.13 -9.52
N GLY A 154 4.65 -2.37 -8.85
CA GLY A 154 3.43 -1.64 -9.07
C GLY A 154 3.41 -0.34 -8.29
N LEU A 155 2.49 0.55 -8.62
CA LEU A 155 2.47 1.91 -8.05
C LEU A 155 1.04 2.34 -7.78
N ALA A 156 0.78 2.76 -6.55
CA ALA A 156 -0.53 3.28 -6.15
C ALA A 156 -0.39 4.70 -5.62
N LEU A 157 -1.34 5.56 -6.00
CA LEU A 157 -1.38 6.92 -5.49
C LEU A 157 -2.35 6.95 -4.32
N ASP A 158 -1.83 7.13 -3.14
CA ASP A 158 -2.59 6.95 -1.90
C ASP A 158 -3.18 8.31 -1.65
N ASP A 159 -4.36 8.32 -1.03
CA ASP A 159 -5.05 9.55 -0.62
C ASP A 159 -5.26 10.44 -1.84
N PHE A 160 -5.80 9.85 -2.90
CA PHE A 160 -6.04 10.54 -4.17
C PHE A 160 -7.32 11.39 -4.08
N PHE A 164 -6.17 20.32 -7.85
CA PHE A 164 -5.71 20.17 -9.23
C PHE A 164 -4.35 19.45 -9.38
N SER A 165 -3.54 19.47 -8.32
CA SER A 165 -2.16 18.98 -8.42
C SER A 165 -2.14 17.49 -8.80
N SER A 166 -3.01 16.72 -8.18
CA SER A 166 -3.02 15.29 -8.39
C SER A 166 -3.49 14.90 -9.79
N LEU A 167 -4.42 15.61 -10.38
CA LEU A 167 -4.82 15.32 -11.74
C LEU A 167 -3.65 15.49 -12.72
N SER A 168 -2.88 16.56 -12.56
N SER A 168 -2.88 16.55 -12.57
CA SER A 168 -1.70 16.78 -13.39
CA SER A 168 -1.72 16.75 -13.42
C SER A 168 -0.65 15.70 -13.17
C SER A 168 -0.63 15.70 -13.18
N TYR A 169 -0.35 15.39 -11.92
CA TYR A 169 0.67 14.37 -11.61
C TYR A 169 0.30 13.02 -12.26
N LEU A 170 -0.99 12.68 -12.21
N LEU A 170 -0.99 12.68 -12.25
CA LEU A 170 -1.46 11.43 -12.75
CA LEU A 170 -1.45 11.40 -12.76
C LEU A 170 -1.14 11.31 -14.24
C LEU A 170 -1.31 11.28 -14.29
N THR A 171 -1.28 12.39 -14.99
CA THR A 171 -1.04 12.33 -16.44
C THR A 171 0.39 11.93 -16.72
N ARG A 172 1.32 12.33 -15.88
CA ARG A 172 2.73 12.05 -16.15
C ARG A 172 3.16 10.72 -15.55
N LEU A 173 2.71 10.43 -14.34
CA LEU A 173 3.32 9.38 -13.52
C LEU A 173 2.62 8.06 -13.74
N PRO A 174 3.34 6.94 -13.81
CA PRO A 174 2.80 5.68 -14.21
C PRO A 174 2.13 4.88 -13.09
N PHE A 175 1.17 5.51 -12.46
CA PHE A 175 0.38 4.81 -11.46
C PHE A 175 -0.55 3.81 -12.10
N ASP A 176 -0.79 2.68 -11.43
CA ASP A 176 -1.79 1.70 -11.86
C ASP A 176 -3.06 1.70 -10.99
N THR A 177 -2.98 2.32 -9.82
CA THR A 177 -4.03 2.22 -8.76
C THR A 177 -4.14 3.58 -8.08
N LEU A 178 -5.39 3.94 -7.77
CA LEU A 178 -5.76 5.07 -6.97
C LEU A 178 -6.41 4.62 -5.70
N LYS A 179 -6.12 5.21 -4.58
CA LYS A 179 -6.80 4.91 -3.33
C LYS A 179 -7.63 6.05 -2.83
N ILE A 180 -8.82 5.77 -2.34
CA ILE A 180 -9.73 6.75 -1.77
C ILE A 180 -9.55 6.78 -0.27
N ASP A 181 -9.28 7.92 0.31
CA ASP A 181 -9.09 8.07 1.71
C ASP A 181 -10.31 7.65 2.51
N ARG A 182 -10.08 6.97 3.62
CA ARG A 182 -11.15 6.49 4.49
C ARG A 182 -12.10 7.56 4.96
N TYR A 183 -11.62 8.78 5.15
CA TYR A 183 -12.52 9.85 5.60
C TYR A 183 -13.68 10.04 4.61
N PHE A 184 -13.36 10.02 3.32
CA PHE A 184 -14.40 10.25 2.31
C PHE A 184 -15.38 9.08 2.28
N VAL A 185 -14.86 7.86 2.35
CA VAL A 185 -15.70 6.67 2.35
C VAL A 185 -16.63 6.67 3.55
N ARG A 186 -16.10 7.02 4.72
CA ARG A 186 -16.87 6.95 5.96
C ARG A 186 -17.92 8.05 6.09
N THR A 187 -17.71 9.14 5.35
CA THR A 187 -18.63 10.29 5.43
C THR A 187 -19.54 10.41 4.20
N GLY A 189 -22.05 8.77 3.10
CA GLY A 189 -23.50 8.50 3.37
C GLY A 189 -24.22 9.73 3.85
N ASN A 190 -23.50 10.62 4.53
CA ASN A 190 -24.08 11.75 5.23
C ASN A 190 -23.60 13.11 4.72
N ASN A 191 -22.65 13.16 3.78
CA ASN A 191 -21.97 14.35 3.32
C ASN A 191 -21.82 14.31 1.81
N ALA A 192 -22.58 15.15 1.13
CA ALA A 192 -22.69 15.12 -0.30
C ALA A 192 -21.40 15.44 -0.98
N GLY A 193 -20.56 16.27 -0.38
CA GLY A 193 -19.29 16.60 -0.96
C GLY A 193 -18.35 15.42 -0.90
N SER A 194 -18.39 14.66 0.18
CA SER A 194 -17.58 13.42 0.23
C SER A 194 -18.07 12.41 -0.79
N ALA A 195 -19.39 12.30 -0.96
CA ALA A 195 -19.90 11.39 -2.00
C ALA A 195 -19.41 11.83 -3.37
N LYS A 196 -19.39 13.14 -3.63
CA LYS A 196 -18.96 13.66 -4.91
C LYS A 196 -17.49 13.30 -5.16
N ILE A 197 -16.64 13.42 -4.12
CA ILE A 197 -15.24 13.04 -4.28
C ILE A 197 -15.07 11.54 -4.57
N VAL A 198 -15.80 10.69 -3.81
CA VAL A 198 -15.75 9.23 -4.04
C VAL A 198 -16.13 8.93 -5.50
N ARG A 199 -17.26 9.48 -5.92
CA ARG A 199 -17.71 9.24 -7.28
C ARG A 199 -16.70 9.71 -8.34
N SER A 200 -16.09 10.85 -8.08
CA SER A 200 -15.10 11.42 -8.99
C SER A 200 -13.88 10.52 -9.14
N VAL A 201 -13.37 9.98 -8.04
CA VAL A 201 -12.24 9.08 -8.13
C VAL A 201 -12.60 7.79 -8.85
N VAL A 202 -13.76 7.24 -8.54
CA VAL A 202 -14.17 6.04 -9.22
C VAL A 202 -14.31 6.26 -10.70
N LYS A 203 -14.97 7.34 -11.08
CA LYS A 203 -15.25 7.59 -12.50
C LYS A 203 -13.95 7.77 -13.25
N LEU A 204 -13.02 8.51 -12.69
CA LEU A 204 -11.67 8.62 -13.29
C LEU A 204 -10.99 7.28 -13.50
N GLY A 205 -10.95 6.45 -12.48
CA GLY A 205 -10.37 5.14 -12.72
C GLY A 205 -11.05 4.39 -13.87
N GLN A 206 -12.38 4.44 -13.98
CA GLN A 206 -13.07 3.72 -15.05
C GLN A 206 -12.75 4.30 -16.41
N ASP A 207 -12.64 5.63 -16.49
CA ASP A 207 -12.37 6.33 -17.76
C ASP A 207 -10.93 6.18 -18.25
N LEU A 208 -10.02 6.10 -17.31
N LEU A 208 -9.99 6.15 -17.32
CA LEU A 208 -8.60 6.10 -17.57
CA LEU A 208 -8.54 6.08 -17.62
C LEU A 208 -7.93 4.78 -17.22
C LEU A 208 -7.93 4.67 -17.45
N ASP A 209 -8.76 3.73 -17.05
CA ASP A 209 -8.33 2.37 -16.85
C ASP A 209 -7.28 2.28 -15.76
N LEU A 210 -7.59 2.83 -14.59
N LEU A 210 -7.56 2.88 -14.61
CA LEU A 210 -6.82 2.60 -13.36
CA LEU A 210 -6.82 2.60 -13.38
C LEU A 210 -7.70 2.00 -12.30
C LEU A 210 -7.74 1.82 -12.46
N GLU A 211 -7.14 1.05 -11.57
CA GLU A 211 -7.94 0.40 -10.53
C GLU A 211 -8.08 1.33 -9.36
N VAL A 212 -9.15 1.16 -8.58
CA VAL A 212 -9.46 2.04 -7.45
C VAL A 212 -9.69 1.16 -6.20
N VAL A 213 -9.04 1.53 -5.12
CA VAL A 213 -9.20 0.88 -3.82
C VAL A 213 -9.84 1.87 -2.87
N ALA A 214 -11.00 1.56 -2.32
CA ALA A 214 -11.62 2.33 -1.22
C ALA A 214 -11.07 1.87 0.12
N GLU A 215 -10.57 2.78 0.93
CA GLU A 215 -10.12 2.50 2.27
C GLU A 215 -11.20 2.76 3.28
N GLY A 216 -11.11 2.07 4.40
CA GLY A 216 -11.94 2.33 5.52
C GLY A 216 -13.37 1.87 5.36
N VAL A 217 -13.60 0.83 4.56
CA VAL A 217 -14.94 0.25 4.38
C VAL A 217 -15.37 -0.51 5.64
N GLU A 218 -16.29 0.08 6.41
CA GLU A 218 -16.64 -0.38 7.75
C GLU A 218 -17.72 -1.40 7.80
N ASN A 219 -18.59 -1.46 6.81
CA ASN A 219 -19.82 -2.25 6.92
C ASN A 219 -20.41 -2.49 5.54
N ALA A 220 -21.50 -3.24 5.49
CA ALA A 220 -22.14 -3.62 4.26
C ALA A 220 -22.75 -2.45 3.53
N GLU A 221 -23.31 -1.47 4.24
CA GLU A 221 -23.91 -0.31 3.59
C GLU A 221 -22.84 0.39 2.72
N ALA A 223 -19.94 -0.87 1.68
CA ALA A 223 -19.47 -1.75 0.61
C ALA A 223 -20.44 -1.75 -0.57
N HIS A 224 -21.74 -1.80 -0.25
CA HIS A 224 -22.74 -1.86 -1.31
C HIS A 224 -22.80 -0.56 -2.11
N ALA A 225 -22.63 0.56 -1.43
CA ALA A 225 -22.63 1.89 -2.09
C ALA A 225 -21.45 1.92 -3.07
N LEU A 226 -20.29 1.41 -2.67
CA LEU A 226 -19.09 1.42 -3.53
C LEU A 226 -19.24 0.43 -4.66
N GLN A 227 -19.84 -0.73 -4.41
CA GLN A 227 -20.15 -1.72 -5.43
C GLN A 227 -21.00 -1.07 -6.51
N SER A 228 -22.00 -0.29 -6.12
CA SER A 228 -22.94 0.30 -7.10
C SER A 228 -22.26 1.31 -8.01
N LEU A 229 -21.22 1.96 -7.50
CA LEU A 229 -20.42 2.92 -8.31
C LEU A 229 -19.43 2.21 -9.22
N GLY A 230 -19.19 0.94 -9.00
CA GLY A 230 -18.19 0.18 -9.74
C GLY A 230 -16.79 0.30 -9.20
N CYS A 231 -16.62 0.74 -7.95
CA CYS A 231 -15.27 0.76 -7.33
C CYS A 231 -14.68 -0.65 -7.33
N ASP A 232 -13.42 -0.87 -7.71
CA ASP A 232 -12.90 -2.21 -7.90
C ASP A 232 -12.71 -2.90 -6.56
N TYR A 233 -11.99 -2.29 -5.64
CA TYR A 233 -11.52 -2.94 -4.45
C TYR A 233 -11.85 -2.18 -3.20
N GLY A 234 -11.83 -2.85 -2.08
CA GLY A 234 -12.05 -2.24 -0.77
C GLY A 234 -11.17 -2.88 0.27
N GLN A 235 -10.95 -2.14 1.34
CA GLN A 235 -10.30 -2.62 2.53
C GLN A 235 -10.97 -1.91 3.71
N GLY A 236 -11.03 -2.60 4.84
CA GLY A 236 -11.53 -1.99 6.06
C GLY A 236 -12.08 -3.03 7.00
N PHE A 237 -12.59 -2.53 8.11
CA PHE A 237 -13.07 -3.39 9.16
C PHE A 237 -14.25 -4.26 8.75
N GLY A 238 -14.99 -3.85 7.73
CA GLY A 238 -16.11 -4.64 7.22
C GLY A 238 -15.63 -5.99 6.66
N TYR A 239 -14.37 -6.08 6.26
CA TYR A 239 -13.79 -7.30 5.70
C TYR A 239 -12.83 -7.94 6.69
N ALA A 240 -11.83 -7.19 7.14
CA ALA A 240 -10.86 -7.65 8.14
C ALA A 240 -9.95 -6.49 8.54
N PRO A 241 -9.52 -6.46 9.79
CA PRO A 241 -8.52 -5.50 10.20
C PRO A 241 -7.14 -5.86 9.66
N ALA A 242 -6.13 -5.07 9.95
CA ALA A 242 -4.77 -5.53 9.79
C ALA A 242 -4.53 -6.77 10.66
N LEU A 243 -4.04 -7.83 10.02
CA LEU A 243 -3.87 -9.16 10.63
C LEU A 243 -2.40 -9.43 10.91
N SER A 244 -2.09 -10.14 12.00
CA SER A 244 -0.73 -10.63 12.20
C SER A 244 -0.40 -11.58 11.07
N PRO A 245 0.89 -11.85 10.87
CA PRO A 245 1.23 -12.81 9.82
C PRO A 245 0.52 -14.16 9.98
N GLN A 246 0.36 -14.60 11.21
CA GLN A 246 -0.24 -15.89 11.47
C GLN A 246 -1.74 -15.85 11.10
N GLU A 247 -2.42 -14.79 11.53
CA GLU A 247 -3.81 -14.59 11.19
C GLU A 247 -4.02 -14.40 9.67
N ALA A 248 -3.10 -13.71 9.02
CA ALA A 248 -3.19 -13.46 7.55
C ALA A 248 -3.03 -14.77 6.78
N GLU A 249 -2.18 -15.65 7.27
CA GLU A 249 -1.99 -16.98 6.70
C GLU A 249 -3.30 -17.76 6.75
N VAL A 250 -3.98 -17.74 7.89
CA VAL A 250 -5.24 -18.43 8.00
C VAL A 250 -6.26 -17.82 7.06
N TYR A 251 -6.30 -16.48 6.99
CA TYR A 251 -7.26 -15.77 6.13
C TYR A 251 -7.01 -16.21 4.68
N LEU A 252 -5.76 -16.21 4.24
CA LEU A 252 -5.40 -16.60 2.86
C LEU A 252 -5.83 -18.02 2.57
N ASN A 253 -5.55 -18.95 3.50
CA ASN A 253 -5.85 -20.35 3.22
C ASN A 253 -7.34 -20.63 3.11
N GLU A 254 -8.15 -19.80 3.78
CA GLU A 254 -9.61 -19.90 3.73
C GLU A 254 -10.28 -19.08 2.67
N ALA A 255 -9.49 -18.30 1.94
CA ALA A 255 -10.02 -17.35 1.00
C ALA A 255 -10.31 -17.91 -0.36
N TYR A 256 -11.19 -17.23 -1.08
CA TYR A 256 -11.28 -17.30 -2.52
C TYR A 256 -10.40 -16.19 -3.08
N VAL A 257 -9.43 -16.50 -3.92
CA VAL A 257 -8.49 -15.52 -4.45
C VAL A 257 -9.03 -14.94 -5.75
N ASP A 258 -8.95 -13.62 -5.87
CA ASP A 258 -9.46 -12.90 -7.05
C ASP A 258 -8.81 -13.43 -8.31
N GLY A 259 -9.63 -13.75 -9.30
CA GLY A 259 -9.11 -14.25 -10.56
C GLY A 259 -9.08 -15.76 -10.60
#